data_4HLW
#
_entry.id   4HLW
#
_cell.length_a   55.190
_cell.length_b   66.300
_cell.length_c   73.010
_cell.angle_alpha   90.00
_cell.angle_beta   90.00
_cell.angle_gamma   90.00
#
_symmetry.space_group_name_H-M   'P 21 21 21'
#
loop_
_entity.id
_entity.type
_entity.pdbx_description
1 polymer 'Androgen receptor'
2 non-polymer TESTOSTERONE
3 non-polymer 2-[(2-phenoxyethyl)sulfanyl]-1H-benzimidazole
4 non-polymer GLYCEROL
5 non-polymer 'SULFATE ION'
6 water water
#
_entity_poly.entity_id   1
_entity_poly.type   'polypeptide(L)'
_entity_poly.pdbx_seq_one_letter_code
;IEGYECQPIFLNVLEAIEPGVVCAGHDNNQPDSFAALLSSLNELGERQLVHVVKWAKALPGFRNLHVDDQMAVIQYSWMG
LMVFAMGWRSFTNVNSRMLYFAPDLVFNEYRMHKSRMYSQCVRMRHLSQEFGWLQITPQEFLCMKALLLFSIIPVDGLKN
QKFFDELRMNYIKELDRIIACKRKNPTSCSRRFYQLTKLLDSVQPIARELHQFTFDLLIKSHMVSVDFPEMMAEIISVQV
PKILSGKVKPIYFHTQ
;
_entity_poly.pdbx_strand_id   A
#
loop_
_chem_comp.id
_chem_comp.type
_chem_comp.name
_chem_comp.formula
17W non-polymer 2-[(2-phenoxyethyl)sulfanyl]-1H-benzimidazole 'C15 H14 N2 O S'
GOL non-polymer GLYCEROL 'C3 H8 O3'
SO4 non-polymer 'SULFATE ION' 'O4 S -2'
TES non-polymer TESTOSTERONE 'C19 H28 O2'
#
# COMPACT_ATOMS: atom_id res chain seq x y z
N GLN A 7 23.16 14.13 7.68
CA GLN A 7 21.78 14.53 7.98
C GLN A 7 20.76 14.20 6.87
N PRO A 8 21.05 14.60 5.60
CA PRO A 8 20.02 14.33 4.60
C PRO A 8 20.26 13.03 3.85
N ILE A 9 21.14 12.16 4.37
CA ILE A 9 21.47 10.93 3.67
C ILE A 9 20.27 9.99 3.54
N PHE A 10 19.59 9.71 4.65
CA PHE A 10 18.41 8.84 4.62
C PHE A 10 17.32 9.31 3.63
N LEU A 11 16.99 10.59 3.68
CA LEU A 11 16.01 11.14 2.76
C LEU A 11 16.49 11.04 1.31
N ASN A 12 17.78 11.29 1.10
CA ASN A 12 18.35 11.21 -0.24
C ASN A 12 18.03 9.89 -0.90
N VAL A 13 18.17 8.82 -0.11
CA VAL A 13 17.91 7.48 -0.61
C VAL A 13 16.45 7.28 -0.94
N LEU A 14 15.57 7.68 -0.01
CA LEU A 14 14.14 7.50 -0.20
C LEU A 14 13.67 8.18 -1.49
N GLU A 15 14.13 9.41 -1.70
CA GLU A 15 13.70 10.18 -2.86
C GLU A 15 14.34 9.62 -4.13
N ALA A 16 15.55 9.10 -4.00
CA ALA A 16 16.27 8.56 -5.14
C ALA A 16 15.61 7.30 -5.67
N ILE A 17 15.16 6.44 -4.76
CA ILE A 17 14.61 5.13 -5.13
C ILE A 17 13.10 5.09 -5.36
N GLU A 18 12.41 6.19 -5.12
CA GLU A 18 10.99 6.24 -5.37
C GLU A 18 10.63 5.85 -6.81
N PRO A 19 9.73 4.86 -6.97
CA PRO A 19 9.44 4.40 -8.34
C PRO A 19 8.62 5.43 -9.10
N GLY A 20 8.70 5.38 -10.42
CA GLY A 20 8.03 6.37 -11.24
C GLY A 20 6.71 5.82 -11.72
N VAL A 21 6.12 6.52 -12.70
CA VAL A 21 4.80 6.19 -13.19
C VAL A 21 4.71 4.74 -13.59
N VAL A 22 3.67 4.05 -13.14
CA VAL A 22 3.36 2.74 -13.69
C VAL A 22 1.98 2.76 -14.39
N CYS A 23 1.92 2.28 -15.63
CA CYS A 23 0.65 2.27 -16.37
C CYS A 23 -0.06 0.93 -16.18
N ALA A 24 -1.38 0.95 -16.29
CA ALA A 24 -2.19 -0.24 -16.01
C ALA A 24 -2.33 -1.12 -17.23
N GLY A 25 -2.31 -0.50 -18.40
CA GLY A 25 -2.53 -1.21 -19.63
C GLY A 25 -4.00 -1.16 -20.02
N HIS A 26 -4.77 -0.34 -19.31
CA HIS A 26 -6.21 -0.33 -19.53
C HIS A 26 -6.58 0.32 -20.84
N ASP A 27 -7.59 -0.23 -21.50
CA ASP A 27 -8.10 0.32 -22.75
C ASP A 27 -9.35 1.14 -22.51
N ASN A 28 -9.17 2.45 -22.38
CA ASN A 28 -10.27 3.33 -22.00
C ASN A 28 -11.32 3.50 -23.09
N ASN A 29 -11.08 2.88 -24.24
CA ASN A 29 -12.00 2.91 -25.36
C ASN A 29 -13.10 1.88 -25.20
N GLN A 30 -12.75 0.79 -24.54
CA GLN A 30 -13.70 -0.22 -24.13
C GLN A 30 -14.60 0.40 -23.09
N PRO A 31 -15.89 0.09 -23.13
CA PRO A 31 -16.82 0.65 -22.15
C PRO A 31 -16.58 0.07 -20.78
N ASP A 32 -16.73 0.89 -19.74
CA ASP A 32 -16.41 0.47 -18.39
C ASP A 32 -17.31 -0.69 -17.99
N SER A 33 -16.70 -1.84 -17.73
CA SER A 33 -17.42 -2.99 -17.22
C SER A 33 -16.66 -3.53 -16.02
N PHE A 34 -17.37 -4.21 -15.12
CA PHE A 34 -16.76 -4.74 -13.91
C PHE A 34 -15.56 -5.63 -14.22
N ALA A 35 -15.73 -6.52 -15.19
CA ALA A 35 -14.68 -7.43 -15.58
C ALA A 35 -13.47 -6.66 -16.10
N ALA A 36 -13.72 -5.68 -16.97
CA ALA A 36 -12.65 -4.89 -17.57
C ALA A 36 -11.89 -4.08 -16.53
N LEU A 37 -12.63 -3.33 -15.72
CA LEU A 37 -12.05 -2.51 -14.66
C LEU A 37 -11.21 -3.36 -13.72
N LEU A 38 -11.74 -4.51 -13.31
CA LEU A 38 -11.06 -5.31 -12.30
C LEU A 38 -9.83 -6.07 -12.83
N SER A 39 -9.89 -6.51 -14.07
CA SER A 39 -8.74 -7.18 -14.69
C SER A 39 -7.58 -6.20 -14.90
N SER A 40 -7.92 -4.95 -15.19
CA SER A 40 -6.90 -3.92 -15.33
C SER A 40 -6.23 -3.59 -14.00
N LEU A 41 -7.03 -3.56 -12.92
CA LEU A 41 -6.48 -3.38 -11.57
C LEU A 41 -5.53 -4.53 -11.24
N ASN A 42 -5.94 -5.76 -11.52
CA ASN A 42 -5.10 -6.93 -11.34
C ASN A 42 -3.79 -6.84 -12.11
N GLU A 43 -3.88 -6.42 -13.37
CA GLU A 43 -2.68 -6.22 -14.17
C GLU A 43 -1.80 -5.13 -13.59
N LEU A 44 -2.40 -4.01 -13.19
CA LEU A 44 -1.68 -2.91 -12.56
C LEU A 44 -0.97 -3.40 -11.32
N GLY A 45 -1.70 -4.19 -10.53
CA GLY A 45 -1.21 -4.75 -9.30
C GLY A 45 0.03 -5.56 -9.57
N GLU A 46 -0.07 -6.46 -10.55
CA GLU A 46 1.07 -7.28 -10.91
C GLU A 46 2.24 -6.38 -11.35
N ARG A 47 1.95 -5.35 -12.15
CA ARG A 47 3.01 -4.43 -12.61
C ARG A 47 3.64 -3.65 -11.46
N GLN A 48 2.81 -3.06 -10.62
CA GLN A 48 3.33 -2.29 -9.50
C GLN A 48 4.11 -3.14 -8.52
N LEU A 49 3.87 -4.45 -8.56
CA LEU A 49 4.53 -5.40 -7.68
C LEU A 49 6.01 -5.49 -7.95
N VAL A 50 6.38 -5.45 -9.23
CA VAL A 50 7.77 -5.53 -9.64
C VAL A 50 8.52 -4.34 -9.08
N HIS A 51 7.91 -3.16 -9.19
CA HIS A 51 8.53 -1.95 -8.65
C HIS A 51 8.73 -2.06 -7.15
N VAL A 52 7.69 -2.49 -6.44
CA VAL A 52 7.74 -2.61 -4.99
C VAL A 52 8.91 -3.51 -4.55
N VAL A 53 9.14 -4.61 -5.26
CA VAL A 53 10.26 -5.47 -4.93
C VAL A 53 11.60 -4.75 -5.05
N LYS A 54 11.82 -4.10 -6.19
CA LYS A 54 13.10 -3.45 -6.46
C LYS A 54 13.29 -2.27 -5.50
N TRP A 55 12.19 -1.58 -5.24
CA TRP A 55 12.18 -0.48 -4.29
C TRP A 55 12.57 -0.94 -2.89
N ALA A 56 11.89 -1.97 -2.41
CA ALA A 56 12.11 -2.48 -1.05
C ALA A 56 13.55 -2.96 -0.85
N LYS A 57 14.05 -3.79 -1.77
CA LYS A 57 15.43 -4.26 -1.69
C LYS A 57 16.45 -3.13 -1.71
N ALA A 58 16.09 -1.99 -2.30
CA ALA A 58 16.95 -0.82 -2.26
C ALA A 58 16.79 0.07 -1.01
N LEU A 59 15.93 -0.33 -0.08
CA LEU A 59 15.78 0.45 1.14
C LEU A 59 16.94 0.25 2.09
N PRO A 60 17.32 1.31 2.81
CA PRO A 60 18.41 1.25 3.79
C PRO A 60 18.15 0.19 4.86
N GLY A 61 18.99 -0.83 4.90
CA GLY A 61 18.92 -1.85 5.92
C GLY A 61 18.15 -3.08 5.51
N PHE A 62 17.45 -3.01 4.38
CA PHE A 62 16.50 -4.06 4.05
C PHE A 62 17.16 -5.40 3.72
N ARG A 63 18.30 -5.31 3.03
CA ARG A 63 19.02 -6.49 2.59
C ARG A 63 19.59 -7.29 3.76
N ASN A 64 19.65 -6.69 4.94
CA ASN A 64 20.09 -7.47 6.11
C ASN A 64 18.97 -8.08 6.96
N LEU A 65 17.74 -8.05 6.45
CA LEU A 65 16.70 -8.91 6.97
C LEU A 65 17.01 -10.27 6.43
N HIS A 66 16.57 -11.32 7.12
CA HIS A 66 16.68 -12.66 6.58
C HIS A 66 15.97 -12.70 5.24
N VAL A 67 16.56 -13.39 4.27
CA VAL A 67 16.03 -13.37 2.91
C VAL A 67 14.57 -13.86 2.81
N ASP A 68 14.21 -14.87 3.59
CA ASP A 68 12.83 -15.34 3.69
C ASP A 68 11.93 -14.22 4.18
N ASP A 69 12.40 -13.52 5.21
CA ASP A 69 11.67 -12.40 5.76
C ASP A 69 11.56 -11.28 4.76
N GLN A 70 12.50 -11.21 3.83
CA GLN A 70 12.44 -10.14 2.85
C GLN A 70 11.24 -10.33 1.95
N MET A 71 11.07 -11.55 1.45
CA MET A 71 9.92 -11.89 0.62
C MET A 71 8.60 -11.77 1.40
N ALA A 72 8.61 -12.27 2.64
CA ALA A 72 7.42 -12.32 3.46
C ALA A 72 6.82 -10.95 3.68
N VAL A 73 7.63 -10.01 4.15
CA VAL A 73 7.12 -8.70 4.48
C VAL A 73 6.62 -7.94 3.25
N ILE A 74 7.30 -8.14 2.11
CA ILE A 74 6.79 -7.61 0.86
C ILE A 74 5.43 -8.22 0.53
N GLN A 75 5.31 -9.53 0.71
CA GLN A 75 4.06 -10.22 0.40
C GLN A 75 2.87 -9.89 1.30
N TYR A 76 3.11 -9.46 2.54
CA TYR A 76 2.02 -9.12 3.44
C TYR A 76 1.59 -7.66 3.26
N SER A 77 2.50 -6.81 2.83
CA SER A 77 2.28 -5.37 2.93
C SER A 77 2.00 -4.61 1.62
N TRP A 78 2.13 -5.28 0.49
CA TRP A 78 1.90 -4.62 -0.79
C TRP A 78 0.56 -3.86 -0.91
N MET A 79 -0.51 -4.41 -0.37
CA MET A 79 -1.81 -3.74 -0.44
C MET A 79 -1.73 -2.37 0.21
N GLY A 80 -1.25 -2.33 1.44
CA GLY A 80 -1.15 -1.09 2.17
C GLY A 80 -0.21 -0.11 1.52
N LEU A 81 0.90 -0.62 0.99
CA LEU A 81 1.86 0.20 0.27
C LEU A 81 1.26 0.84 -0.97
N MET A 82 0.68 -0.01 -1.82
CA MET A 82 0.10 0.43 -3.06
C MET A 82 -1.09 1.35 -2.87
N VAL A 83 -1.84 1.14 -1.80
CA VAL A 83 -3.00 1.99 -1.52
C VAL A 83 -2.58 3.35 -1.01
N PHE A 84 -1.58 3.37 -0.12
CA PHE A 84 -1.08 4.62 0.45
C PHE A 84 -0.45 5.49 -0.64
N ALA A 85 0.25 4.85 -1.58
CA ALA A 85 0.86 5.58 -2.69
C ALA A 85 -0.21 6.15 -3.60
N MET A 86 -1.21 5.34 -3.91
CA MET A 86 -2.27 5.73 -4.83
C MET A 86 -3.00 6.99 -4.31
N GLY A 87 -3.33 6.97 -3.03
CA GLY A 87 -3.94 8.12 -2.38
C GLY A 87 -3.09 9.36 -2.48
N TRP A 88 -1.78 9.18 -2.41
CA TRP A 88 -0.86 10.27 -2.68
C TRP A 88 -0.96 10.77 -4.12
N ARG A 89 -0.90 9.85 -5.10
CA ARG A 89 -1.02 10.24 -6.52
C ARG A 89 -2.32 10.99 -6.72
N SER A 90 -3.39 10.41 -6.19
CA SER A 90 -4.71 11.00 -6.26
C SER A 90 -4.74 12.39 -5.65
N PHE A 91 -4.03 12.56 -4.54
CA PHE A 91 -3.92 13.86 -3.89
C PHE A 91 -3.19 14.89 -4.74
N THR A 92 -2.06 14.50 -5.31
CA THR A 92 -1.25 15.44 -6.07
C THR A 92 -1.72 15.67 -7.51
N ASN A 93 -2.49 14.74 -8.07
CA ASN A 93 -2.89 14.84 -9.48
C ASN A 93 -4.31 15.36 -9.73
N VAL A 94 -5.27 14.80 -9.02
CA VAL A 94 -6.67 15.19 -9.23
C VAL A 94 -7.29 15.68 -7.94
N ASN A 95 -6.43 16.12 -7.02
CA ASN A 95 -6.85 16.66 -5.74
C ASN A 95 -7.86 15.78 -5.03
N SER A 96 -7.52 14.50 -4.89
CA SER A 96 -8.32 13.55 -4.13
C SER A 96 -9.78 13.43 -4.57
N ARG A 97 -10.13 14.06 -5.70
CA ARG A 97 -11.50 14.03 -6.22
C ARG A 97 -11.80 12.67 -6.85
N MET A 98 -10.79 12.07 -7.45
CA MET A 98 -10.91 10.76 -8.08
C MET A 98 -9.76 9.84 -7.66
N LEU A 99 -9.85 8.58 -8.02
CA LEU A 99 -8.82 7.64 -7.64
C LEU A 99 -7.86 7.40 -8.78
N TYR A 100 -6.69 8.04 -8.68
CA TYR A 100 -5.67 7.99 -9.72
C TYR A 100 -4.83 6.71 -9.60
N PHE A 101 -5.38 5.58 -10.01
CA PHE A 101 -4.62 4.35 -9.92
C PHE A 101 -3.42 4.34 -10.84
N ALA A 102 -3.61 4.93 -12.02
CA ALA A 102 -2.58 5.03 -13.03
C ALA A 102 -3.04 6.12 -14.00
N PRO A 103 -2.12 6.67 -14.81
CA PRO A 103 -2.53 7.66 -15.80
C PRO A 103 -3.61 7.13 -16.75
N ASP A 104 -3.59 5.83 -17.01
CA ASP A 104 -4.51 5.21 -17.95
C ASP A 104 -5.64 4.47 -17.25
N LEU A 105 -5.86 4.82 -15.97
CA LEU A 105 -6.89 4.15 -15.18
C LEU A 105 -7.30 4.99 -13.97
N VAL A 106 -8.09 6.02 -14.25
CA VAL A 106 -8.56 6.90 -13.20
C VAL A 106 -10.04 6.62 -12.91
N PHE A 107 -10.38 6.37 -11.66
CA PHE A 107 -11.76 6.09 -11.34
C PHE A 107 -12.49 7.38 -11.03
N ASN A 108 -13.46 7.69 -11.87
CA ASN A 108 -14.46 8.68 -11.57
C ASN A 108 -15.57 8.02 -10.75
N GLU A 109 -16.60 8.78 -10.40
CA GLU A 109 -17.74 8.28 -9.63
C GLU A 109 -18.32 7.03 -10.27
N TYR A 110 -18.49 7.10 -11.58
CA TYR A 110 -19.14 6.05 -12.33
C TYR A 110 -18.36 4.73 -12.26
N ARG A 111 -17.05 4.80 -12.48
CA ARG A 111 -16.19 3.63 -12.40
C ARG A 111 -16.16 3.04 -10.98
N MET A 112 -16.30 3.89 -9.97
CA MET A 112 -16.35 3.39 -8.61
C MET A 112 -17.55 2.48 -8.43
N HIS A 113 -18.67 2.85 -9.04
CA HIS A 113 -19.86 2.04 -8.95
C HIS A 113 -19.74 0.78 -9.78
N LYS A 114 -19.25 0.91 -11.01
CA LYS A 114 -19.14 -0.23 -11.90
C LYS A 114 -18.18 -1.31 -11.41
N SER A 115 -17.15 -0.90 -10.66
CA SER A 115 -16.16 -1.82 -10.09
C SER A 115 -16.73 -2.68 -8.95
N ARG A 116 -17.93 -2.32 -8.51
CA ARG A 116 -18.59 -2.97 -7.37
C ARG A 116 -17.74 -2.85 -6.12
N MET A 117 -16.94 -1.79 -6.07
CA MET A 117 -16.03 -1.55 -4.97
C MET A 117 -16.30 -0.21 -4.33
N TYR A 118 -17.52 0.30 -4.48
CA TYR A 118 -17.79 1.69 -4.16
C TYR A 118 -17.35 2.09 -2.74
N SER A 119 -17.82 1.38 -1.71
CA SER A 119 -17.49 1.83 -0.36
C SER A 119 -15.98 1.79 -0.05
N GLN A 120 -15.29 0.77 -0.54
CA GLN A 120 -13.81 0.75 -0.47
C GLN A 120 -13.18 1.98 -1.11
N CYS A 121 -13.64 2.31 -2.31
CA CYS A 121 -13.16 3.49 -3.01
C CYS A 121 -13.44 4.75 -2.19
N VAL A 122 -14.56 4.76 -1.47
CA VAL A 122 -14.87 5.89 -0.61
C VAL A 122 -13.85 6.04 0.51
N ARG A 123 -13.50 4.91 1.13
CA ARG A 123 -12.48 4.88 2.17
C ARG A 123 -11.13 5.30 1.63
N MET A 124 -10.81 4.82 0.43
CA MET A 124 -9.57 5.19 -0.23
C MET A 124 -9.55 6.67 -0.58
N ARG A 125 -10.70 7.20 -0.99
CA ARG A 125 -10.73 8.63 -1.26
C ARG A 125 -10.50 9.40 0.01
N HIS A 126 -11.14 8.94 1.10
CA HIS A 126 -10.95 9.59 2.42
C HIS A 126 -9.48 9.63 2.80
N LEU A 127 -8.82 8.48 2.65
CA LEU A 127 -7.38 8.38 2.83
C LEU A 127 -6.63 9.45 2.04
N SER A 128 -6.96 9.56 0.76
CA SER A 128 -6.37 10.56 -0.11
C SER A 128 -6.57 11.99 0.41
N GLN A 129 -7.80 12.28 0.87
CA GLN A 129 -8.12 13.60 1.36
C GLN A 129 -7.36 13.95 2.62
N GLU A 130 -6.92 12.92 3.35
CA GLU A 130 -6.12 13.16 4.53
C GLU A 130 -4.79 13.88 4.26
N PHE A 131 -4.14 13.55 3.14
CA PHE A 131 -2.86 14.15 2.84
C PHE A 131 -3.06 15.66 2.76
N GLY A 132 -4.16 16.07 2.14
CA GLY A 132 -4.54 17.47 2.09
C GLY A 132 -4.76 18.01 3.49
N TRP A 133 -5.73 17.42 4.20
CA TRP A 133 -6.11 17.81 5.55
C TRP A 133 -4.89 18.03 6.44
N LEU A 134 -4.02 17.04 6.51
CA LEU A 134 -2.87 17.12 7.41
C LEU A 134 -1.69 17.90 6.84
N GLN A 135 -1.81 18.30 5.56
CA GLN A 135 -0.73 18.98 4.84
C GLN A 135 0.58 18.20 4.88
N ILE A 136 0.50 16.92 4.54
CA ILE A 136 1.68 16.04 4.48
C ILE A 136 2.73 16.51 3.48
N THR A 137 3.94 16.79 3.96
CA THR A 137 5.08 17.05 3.08
C THR A 137 5.52 15.75 2.38
N PRO A 138 6.05 15.86 1.16
CA PRO A 138 6.56 14.71 0.40
C PRO A 138 7.57 13.89 1.19
N GLN A 139 8.42 14.54 1.97
CA GLN A 139 9.38 13.83 2.81
C GLN A 139 8.67 12.99 3.89
N GLU A 140 7.61 13.56 4.47
CA GLU A 140 6.82 12.83 5.43
C GLU A 140 6.18 11.63 4.74
N PHE A 141 5.73 11.85 3.51
CA PHE A 141 5.08 10.78 2.77
C PHE A 141 6.06 9.61 2.52
N LEU A 142 7.32 9.93 2.24
CA LEU A 142 8.25 8.90 1.81
C LEU A 142 8.65 8.06 3.01
N CYS A 143 8.80 8.72 4.14
CA CYS A 143 9.13 8.00 5.36
CA CYS A 143 9.13 8.02 5.38
C CYS A 143 7.97 7.13 5.84
N MET A 144 6.77 7.69 5.86
CA MET A 144 5.57 6.92 6.17
C MET A 144 5.39 5.72 5.22
N LYS A 145 5.64 5.92 3.94
CA LYS A 145 5.45 4.82 3.00
C LYS A 145 6.46 3.68 3.26
N ALA A 146 7.69 4.04 3.61
CA ALA A 146 8.71 3.05 3.94
C ALA A 146 8.39 2.29 5.24
N LEU A 147 7.83 3.00 6.21
CA LEU A 147 7.42 2.43 7.48
C LEU A 147 6.27 1.44 7.29
N LEU A 148 5.49 1.65 6.24
CA LEU A 148 4.36 0.78 5.97
C LEU A 148 4.77 -0.65 5.65
N LEU A 149 5.98 -0.78 5.12
CA LEU A 149 6.53 -2.08 4.70
C LEU A 149 6.93 -2.87 5.94
N PHE A 150 7.09 -2.19 7.08
CA PHE A 150 7.40 -2.87 8.32
C PHE A 150 6.23 -2.77 9.29
N SER A 151 5.01 -2.84 8.75
CA SER A 151 3.82 -2.60 9.57
C SER A 151 2.88 -3.78 9.66
N ILE A 152 3.31 -4.96 9.24
CA ILE A 152 2.44 -6.13 9.28
C ILE A 152 3.24 -7.45 9.22
N ILE A 153 3.03 -8.33 10.21
CA ILE A 153 3.88 -9.52 10.40
C ILE A 153 3.13 -10.70 10.99
N PRO A 154 3.66 -11.93 10.84
CA PRO A 154 3.00 -13.11 11.44
C PRO A 154 2.98 -13.00 12.95
N VAL A 155 1.89 -13.43 13.59
CA VAL A 155 1.81 -13.31 15.03
C VAL A 155 2.81 -14.24 15.69
N ASP A 156 3.33 -15.19 14.91
CA ASP A 156 4.29 -16.18 15.42
C ASP A 156 5.73 -15.82 15.09
N GLY A 157 5.95 -14.57 14.71
CA GLY A 157 7.29 -14.07 14.41
C GLY A 157 7.88 -14.45 13.06
N LEU A 158 8.83 -13.63 12.60
CA LEU A 158 9.62 -13.91 11.41
C LEU A 158 10.79 -14.80 11.81
N LYS A 159 11.64 -15.15 10.85
CA LYS A 159 12.80 -15.97 11.16
C LYS A 159 13.79 -15.23 12.04
N ASN A 160 14.18 -14.03 11.62
CA ASN A 160 14.92 -13.15 12.51
C ASN A 160 14.12 -11.92 12.90
N GLN A 161 13.33 -12.06 13.95
CA GLN A 161 12.49 -10.99 14.43
C GLN A 161 13.34 -9.83 14.95
N LYS A 162 14.50 -10.19 15.51
CA LYS A 162 15.37 -9.22 16.17
C LYS A 162 15.77 -8.13 15.19
N PHE A 163 16.24 -8.55 14.02
CA PHE A 163 16.66 -7.63 12.98
C PHE A 163 15.49 -6.77 12.54
N PHE A 164 14.33 -7.42 12.36
CA PHE A 164 13.12 -6.71 11.96
C PHE A 164 12.78 -5.58 12.93
N ASP A 165 12.79 -5.90 14.22
CA ASP A 165 12.47 -4.92 15.24
C ASP A 165 13.45 -3.74 15.20
N GLU A 166 14.75 -3.99 15.04
CA GLU A 166 15.71 -2.90 15.03
C GLU A 166 15.48 -2.00 13.80
N LEU A 167 15.34 -2.63 12.64
CA LEU A 167 15.06 -1.90 11.43
C LEU A 167 13.81 -1.03 11.61
N ARG A 168 12.73 -1.62 12.10
CA ARG A 168 11.48 -0.89 12.26
C ARG A 168 11.69 0.33 13.16
N MET A 169 12.37 0.11 14.28
CA MET A 169 12.64 1.19 15.21
C MET A 169 13.41 2.31 14.54
N ASN A 170 14.36 1.96 13.67
CA ASN A 170 15.14 2.97 12.96
C ASN A 170 14.28 3.80 12.04
N TYR A 171 13.33 3.16 11.38
CA TYR A 171 12.42 3.84 10.48
C TYR A 171 11.48 4.79 11.23
N ILE A 172 11.05 4.38 12.42
CA ILE A 172 10.24 5.23 13.27
C ILE A 172 11.00 6.47 13.71
N LYS A 173 12.26 6.28 14.08
CA LYS A 173 13.07 7.39 14.55
C LYS A 173 13.44 8.28 13.37
N GLU A 174 13.44 7.71 12.16
CA GLU A 174 13.70 8.47 10.96
C GLU A 174 12.58 9.43 10.67
N LEU A 175 11.37 8.95 10.92
CA LEU A 175 10.18 9.76 10.70
C LEU A 175 10.09 10.88 11.72
N ASP A 176 10.40 10.55 12.96
CA ASP A 176 10.44 11.55 14.03
C ASP A 176 11.37 12.69 13.63
N ARG A 177 12.59 12.34 13.23
CA ARG A 177 13.58 13.30 12.76
C ARG A 177 13.02 14.21 11.68
N ILE A 178 12.31 13.61 10.72
CA ILE A 178 11.72 14.34 9.61
C ILE A 178 10.62 15.32 10.04
N ILE A 179 9.85 14.93 11.05
CA ILE A 179 8.96 15.87 11.70
C ILE A 179 9.80 17.03 12.27
N ALA A 180 10.63 16.70 13.26
CA ALA A 180 11.40 17.69 13.99
C ALA A 180 12.43 18.37 13.11
N THR A 187 5.29 20.96 21.84
CA THR A 187 3.88 20.64 21.58
C THR A 187 3.66 20.36 20.11
N SER A 188 4.17 21.26 19.27
CA SER A 188 4.02 21.17 17.82
C SER A 188 4.47 19.82 17.27
N CYS A 189 5.66 19.38 17.66
CA CYS A 189 6.20 18.11 17.18
C CYS A 189 5.48 16.88 17.77
N SER A 190 4.97 17.03 18.99
CA SER A 190 4.24 15.94 19.64
C SER A 190 2.92 15.67 18.92
N ARG A 191 2.12 16.71 18.79
CA ARG A 191 0.84 16.61 18.09
C ARG A 191 1.06 16.03 16.72
N ARG A 192 2.07 16.53 16.03
CA ARG A 192 2.31 16.12 14.66
C ARG A 192 2.53 14.60 14.59
N PHE A 193 3.40 14.10 15.44
CA PHE A 193 3.77 12.69 15.41
C PHE A 193 2.56 11.79 15.66
N TYR A 194 1.73 12.20 16.61
CA TYR A 194 0.48 11.52 16.87
C TYR A 194 -0.38 11.42 15.61
N GLN A 195 -0.43 12.49 14.84
CA GLN A 195 -1.25 12.53 13.65
C GLN A 195 -0.80 11.54 12.57
N LEU A 196 0.49 11.51 12.27
CA LEU A 196 0.95 10.60 11.22
C LEU A 196 0.86 9.15 11.67
N THR A 197 1.02 8.92 12.96
CA THR A 197 0.89 7.58 13.49
C THR A 197 -0.56 7.08 13.40
N LYS A 198 -1.53 7.97 13.65
CA LYS A 198 -2.93 7.63 13.47
C LYS A 198 -3.30 7.49 11.99
N LEU A 199 -2.77 8.38 11.17
CA LEU A 199 -2.93 8.26 9.71
C LEU A 199 -2.38 6.94 9.17
N LEU A 200 -1.16 6.59 9.56
CA LEU A 200 -0.58 5.29 9.19
C LEU A 200 -1.44 4.11 9.64
N ASP A 201 -1.96 4.18 10.87
CA ASP A 201 -2.82 3.14 11.40
C ASP A 201 -4.09 2.97 10.56
N SER A 202 -4.65 4.09 10.13
CA SER A 202 -5.87 4.08 9.33
C SER A 202 -5.70 3.38 7.99
N VAL A 203 -4.46 3.15 7.56
CA VAL A 203 -4.24 2.44 6.32
C VAL A 203 -4.63 0.96 6.46
N GLN A 204 -4.45 0.39 7.65
CA GLN A 204 -4.66 -1.05 7.82
C GLN A 204 -6.11 -1.55 7.69
N PRO A 205 -7.09 -0.83 8.27
CA PRO A 205 -8.47 -1.31 8.07
C PRO A 205 -8.89 -1.25 6.59
N ILE A 206 -8.35 -0.28 5.86
CA ILE A 206 -8.61 -0.17 4.45
C ILE A 206 -7.93 -1.31 3.67
N ALA A 207 -6.69 -1.61 4.01
CA ALA A 207 -5.99 -2.73 3.39
C ALA A 207 -6.77 -4.01 3.61
N ARG A 208 -7.30 -4.18 4.81
CA ARG A 208 -8.02 -5.39 5.13
C ARG A 208 -9.30 -5.51 4.34
N GLU A 209 -10.03 -4.42 4.14
CA GLU A 209 -11.23 -4.46 3.30
C GLU A 209 -10.86 -4.89 1.90
N LEU A 210 -9.67 -4.48 1.46
CA LEU A 210 -9.27 -4.83 0.12
C LEU A 210 -8.81 -6.28 0.04
N HIS A 211 -8.11 -6.76 1.07
CA HIS A 211 -7.76 -8.17 1.16
C HIS A 211 -8.99 -9.07 1.11
N GLN A 212 -9.99 -8.72 1.90
CA GLN A 212 -11.24 -9.44 1.89
C GLN A 212 -11.84 -9.45 0.49
N PHE A 213 -11.99 -8.26 -0.09
CA PHE A 213 -12.62 -8.13 -1.40
C PHE A 213 -11.91 -8.93 -2.51
N THR A 214 -10.61 -8.74 -2.63
CA THR A 214 -9.84 -9.37 -3.69
C THR A 214 -9.86 -10.90 -3.54
N PHE A 215 -9.88 -11.38 -2.31
CA PHE A 215 -9.92 -12.82 -2.04
C PHE A 215 -11.25 -13.44 -2.49
N ASP A 216 -12.36 -12.82 -2.09
CA ASP A 216 -13.68 -13.23 -2.56
C ASP A 216 -13.75 -13.22 -4.08
N LEU A 217 -13.14 -12.21 -4.68
CA LEU A 217 -13.10 -12.05 -6.13
C LEU A 217 -12.29 -13.15 -6.80
N LEU A 218 -11.16 -13.51 -6.21
CA LEU A 218 -10.36 -14.59 -6.77
C LEU A 218 -11.17 -15.88 -6.81
N ILE A 219 -11.86 -16.17 -5.71
CA ILE A 219 -12.64 -17.39 -5.55
C ILE A 219 -13.71 -17.51 -6.64
N LYS A 220 -14.38 -16.40 -6.94
CA LYS A 220 -15.44 -16.40 -7.96
C LYS A 220 -15.02 -15.83 -9.33
N SER A 221 -13.72 -15.89 -9.65
CA SER A 221 -13.20 -15.18 -10.81
C SER A 221 -13.53 -15.82 -12.16
N HIS A 222 -13.27 -17.11 -12.28
CA HIS A 222 -13.70 -17.90 -13.45
C HIS A 222 -15.20 -17.75 -13.72
N MET A 223 -15.94 -17.32 -12.71
CA MET A 223 -17.38 -17.19 -12.82
C MET A 223 -17.77 -15.79 -13.28
N VAL A 224 -16.89 -14.82 -13.10
CA VAL A 224 -17.24 -13.45 -13.45
C VAL A 224 -16.31 -12.82 -14.48
N SER A 225 -15.58 -13.64 -15.23
CA SER A 225 -14.72 -13.16 -16.34
C SER A 225 -13.65 -12.15 -15.93
N VAL A 226 -13.02 -12.39 -14.80
CA VAL A 226 -12.04 -11.46 -14.24
C VAL A 226 -10.74 -12.21 -14.06
N ASP A 227 -9.73 -11.78 -14.80
CA ASP A 227 -8.48 -12.51 -14.87
C ASP A 227 -7.50 -12.03 -13.79
N PHE A 228 -6.72 -12.98 -13.27
CA PHE A 228 -5.65 -12.69 -12.31
C PHE A 228 -4.32 -13.19 -12.87
N PRO A 229 -3.32 -12.28 -12.94
CA PRO A 229 -1.94 -12.65 -13.32
C PRO A 229 -1.31 -13.59 -12.30
N GLU A 230 -0.35 -14.41 -12.75
CA GLU A 230 0.34 -15.41 -11.90
C GLU A 230 0.72 -14.95 -10.48
N MET A 231 1.49 -13.87 -10.36
CA MET A 231 1.89 -13.44 -9.02
C MET A 231 0.73 -13.04 -8.12
N MET A 232 -0.28 -12.37 -8.68
CA MET A 232 -1.44 -11.97 -7.89
C MET A 232 -2.22 -13.20 -7.43
N ALA A 233 -2.48 -14.09 -8.38
CA ALA A 233 -3.15 -15.35 -8.06
C ALA A 233 -2.43 -16.09 -6.93
N GLU A 234 -1.10 -16.20 -7.03
CA GLU A 234 -0.31 -16.91 -6.04
C GLU A 234 -0.47 -16.28 -4.66
N ILE A 235 -0.14 -14.99 -4.57
CA ILE A 235 -0.19 -14.24 -3.32
C ILE A 235 -1.59 -14.18 -2.68
N ILE A 236 -2.61 -14.01 -3.49
CA ILE A 236 -3.95 -13.88 -2.94
C ILE A 236 -4.49 -15.20 -2.39
N SER A 237 -3.95 -16.33 -2.86
CA SER A 237 -4.42 -17.63 -2.37
C SER A 237 -3.50 -18.29 -1.35
N VAL A 238 -2.36 -17.68 -1.06
CA VAL A 238 -1.40 -18.29 -0.13
C VAL A 238 -1.06 -17.35 1.03
N GLN A 239 -0.82 -16.08 0.72
CA GLN A 239 -0.42 -15.12 1.72
C GLN A 239 -1.59 -14.35 2.30
N VAL A 240 -2.46 -13.84 1.45
CA VAL A 240 -3.61 -13.08 1.93
C VAL A 240 -4.49 -13.87 2.93
N PRO A 241 -4.73 -15.18 2.67
CA PRO A 241 -5.53 -15.91 3.66
C PRO A 241 -4.88 -16.00 5.06
N LYS A 242 -3.56 -15.88 5.11
CA LYS A 242 -2.90 -15.87 6.42
C LYS A 242 -3.27 -14.60 7.17
N ILE A 243 -3.55 -13.53 6.44
CA ILE A 243 -3.94 -12.26 7.05
C ILE A 243 -5.39 -12.35 7.44
N LEU A 244 -6.20 -12.82 6.52
CA LEU A 244 -7.62 -13.00 6.78
C LEU A 244 -7.89 -13.96 7.94
N SER A 245 -7.15 -15.05 8.01
CA SER A 245 -7.41 -16.04 9.06
C SER A 245 -6.78 -15.63 10.36
N GLY A 246 -6.11 -14.48 10.35
CA GLY A 246 -5.47 -13.94 11.53
C GLY A 246 -4.15 -14.56 11.94
N LYS A 247 -3.45 -15.22 11.03
CA LYS A 247 -2.08 -15.67 11.28
C LYS A 247 -1.03 -14.56 11.07
N VAL A 248 -1.36 -13.58 10.22
CA VAL A 248 -0.57 -12.37 10.06
C VAL A 248 -1.43 -11.15 10.44
N LYS A 249 -0.86 -10.27 11.24
CA LYS A 249 -1.61 -9.16 11.77
C LYS A 249 -0.81 -7.89 11.59
N PRO A 250 -1.51 -6.77 11.39
CA PRO A 250 -0.77 -5.52 11.25
C PRO A 250 -0.28 -5.03 12.60
N ILE A 251 0.81 -4.27 12.60
CA ILE A 251 1.32 -3.59 13.78
C ILE A 251 0.77 -2.17 13.87
N TYR A 252 -0.13 -1.96 14.80
CA TYR A 252 -0.71 -0.65 15.00
C TYR A 252 0.11 0.14 16.03
N PHE A 253 0.23 1.45 15.84
CA PHE A 253 0.82 2.31 16.86
C PHE A 253 -0.09 2.47 18.07
N HIS A 254 -1.34 2.83 17.82
CA HIS A 254 -2.30 3.07 18.89
C HIS A 254 -3.32 1.95 18.97
N THR A 255 -3.75 1.64 20.18
CA THR A 255 -4.77 0.62 20.37
C THR A 255 -6.12 0.99 19.74
N GLN A 256 -6.59 0.12 18.87
CA GLN A 256 -7.81 0.32 18.10
C GLN A 256 -9.06 0.24 18.97
C1 TES B . -3.42 -1.91 -7.66
C2 TES B . -2.36 -0.90 -7.41
C3 TES B . -2.99 0.30 -6.81
O3 TES B . -2.58 1.41 -7.11
C4 TES B . -4.11 0.16 -5.82
C5 TES B . -4.69 -1.08 -5.61
C6 TES B . -5.85 -1.25 -4.60
C7 TES B . -6.92 -2.09 -5.30
C8 TES B . -6.33 -3.40 -5.79
C9 TES B . -5.25 -3.11 -6.81
C10 TES B . -4.19 -2.35 -6.40
C11 TES B . -4.74 -4.67 -7.35
C12 TES B . -6.12 -5.51 -7.84
C13 TES B . -7.02 -5.49 -6.75
C14 TES B . -7.36 -4.16 -6.40
C15 TES B . -8.61 -4.34 -5.44
C16 TES B . -9.36 -5.61 -6.14
C17 TES B . -8.34 -6.12 -7.16
O17 TES B . -8.32 -7.48 -7.18
C18 TES B . -6.48 -6.24 -5.57
C19 TES B . -3.24 -3.11 -5.54
C19 17W C . 21.64 -1.16 8.86
C18 17W C . 22.06 -2.43 9.24
C17 17W C . 21.25 -3.21 10.04
C16 17W C . 20.01 -2.74 10.48
C15 17W C . 19.58 -1.47 10.10
C14 17W C . 20.40 -0.68 9.28
O13 17W C . 20.01 0.57 8.91
C12 17W C . 18.67 1.04 9.04
C11 17W C . 18.58 2.32 8.23
S10 17W C . 18.21 3.68 9.27
C8 17W C . 19.36 5.01 9.07
N9 17W C . 20.70 4.82 9.02
C2 17W C . 21.23 6.06 8.88
N7 17W C . 18.96 6.29 8.99
C3 17W C . 20.08 7.02 8.86
C4 17W C . 20.35 8.38 8.73
C5 17W C . 21.66 8.83 8.61
C6 17W C . 22.73 7.93 8.63
C1 17W C . 22.52 6.56 8.76
C1 GOL D . 5.89 1.54 -4.23
O1 GOL D . 6.48 2.18 -3.10
C2 GOL D . 4.73 2.35 -4.82
O2 GOL D . 5.20 3.58 -5.35
C3 GOL D . 3.96 1.58 -5.90
O3 GOL D . 3.88 2.32 -7.11
S SO4 E . -21.31 -4.58 -15.01
O1 SO4 E . -21.33 -4.39 -13.56
O2 SO4 E . -20.02 -4.15 -15.56
O3 SO4 E . -21.54 -5.98 -15.33
O4 SO4 E . -22.38 -3.79 -15.62
#